data_5H43
#
_entry.id   5H43
#
_cell.length_a   82.222
_cell.length_b   82.222
_cell.length_c   169.034
_cell.angle_alpha   90.00
_cell.angle_beta   90.00
_cell.angle_gamma   90.00
#
_symmetry.space_group_name_H-M   'P 41 21 2'
#
loop_
_entity.id
_entity.type
_entity.pdbx_description
1 polymer 'Importin subunit alpha-1'
2 polymer 'Histone acetyltransferase KAT8'
3 polymer 'Histone acetyltransferase KAT8'
4 water water
#
loop_
_entity_poly.entity_id
_entity_poly.type
_entity_poly.pdbx_seq_one_letter_code
_entity_poly.pdbx_strand_id
1 'polypeptide(L)'
;SNQGTVNWSVDDIVKGINSSNVENQLQATQAARKLLSREKQPPIDNIIRAGLIPKFVSFLGRTDCSPIQFESAWALTNIA
SGTSEQTKAVVDGGAIPAFISLLASPHAHISEQAVWALGNIAGDGSVFRDLVIKYGAVDPLLALLAVPDMSSLACGYLRN
LTWTLSNLCRNKNPAPPIDAVEQILPTLVRLLHHDDPEVLADTCWAISYLTDGPNERIGMVVKTGVVPQLVKLLGASELP
IVTPALRAIGNIVTGTDEQTQVVIDAGALAVFPSLLTNPKTNIQKEATWTMSNITAGRQDQIQQVVNHGLVPFLVSVLSK
ADFKTQKEAVWAVTNYTSGGTVEQIVYLVHCGIIEPLMNLLTAKDTKIILVILDAISNIFQAAEKLGETEKLSIMIEECG
GLDKIEALQNHENESVYKASLSLIEKYFS
;
A
2 'polypeptide(L)' RNQKRKHDEI B
3 'polypeptide(L)' SELAEQPERKITRNQ C
#
# COMPACT_ATOMS: atom_id res chain seq x y z
N ASN A 2 14.99 40.90 -18.47
CA ASN A 2 14.85 41.84 -19.65
C ASN A 2 14.30 41.24 -20.96
N GLN A 3 13.55 40.16 -20.88
CA GLN A 3 13.14 39.50 -22.13
C GLN A 3 11.83 38.75 -21.88
N GLY A 4 11.28 38.14 -22.93
CA GLY A 4 10.07 37.37 -22.79
C GLY A 4 10.29 35.89 -22.64
N THR A 5 10.94 35.47 -21.54
CA THR A 5 11.18 34.04 -21.27
C THR A 5 9.90 33.18 -21.44
N VAL A 6 8.71 33.76 -21.16
CA VAL A 6 7.42 33.10 -21.44
C VAL A 6 7.28 32.65 -22.91
N ASN A 7 7.75 33.48 -23.85
CA ASN A 7 7.61 33.21 -25.29
C ASN A 7 8.89 32.87 -26.04
N TRP A 8 9.91 32.39 -25.33
CA TRP A 8 11.07 31.82 -26.02
C TRP A 8 10.66 30.49 -26.63
N SER A 9 11.40 30.12 -27.68
CA SER A 9 11.27 28.85 -28.32
C SER A 9 12.30 27.92 -27.74
N VAL A 10 12.13 26.64 -28.03
CA VAL A 10 13.13 25.64 -27.67
C VAL A 10 14.49 25.98 -28.31
N ASP A 11 14.44 26.58 -29.50
CA ASP A 11 15.67 26.90 -30.26
C ASP A 11 16.43 27.98 -29.49
N ASP A 12 15.69 29.04 -29.15
CA ASP A 12 16.20 30.15 -28.34
C ASP A 12 16.89 29.66 -27.07
N ILE A 13 16.29 28.64 -26.43
CA ILE A 13 16.79 28.11 -25.15
C ILE A 13 18.17 27.53 -25.39
N VAL A 14 18.26 26.72 -26.46
CA VAL A 14 19.50 25.94 -26.71
C VAL A 14 20.67 26.86 -26.99
N LYS A 15 20.39 27.90 -27.79
CA LYS A 15 21.39 28.92 -28.05
C LYS A 15 21.74 29.61 -26.75
N GLY A 16 20.73 29.96 -25.96
CA GLY A 16 20.91 30.54 -24.62
C GLY A 16 21.78 29.72 -23.69
N ILE A 17 21.46 28.44 -23.54
CA ILE A 17 22.24 27.55 -22.68
C ILE A 17 23.67 27.42 -23.20
N ASN A 18 23.80 27.10 -24.49
CA ASN A 18 25.12 26.82 -25.06
C ASN A 18 26.01 28.08 -25.15
N SER A 19 25.43 29.28 -24.98
CA SER A 19 26.22 30.52 -24.82
C SER A 19 27.21 30.42 -23.66
N SER A 20 28.27 31.24 -23.71
CA SER A 20 29.25 31.31 -22.61
C SER A 20 28.95 32.47 -21.64
N ASN A 21 27.87 33.21 -21.92
CA ASN A 21 27.42 34.32 -21.09
C ASN A 21 26.47 33.86 -19.97
N VAL A 22 26.89 34.07 -18.73
CA VAL A 22 26.21 33.61 -17.50
C VAL A 22 24.73 34.01 -17.40
N GLU A 23 24.39 35.22 -17.81
CA GLU A 23 23.01 35.72 -17.73
C GLU A 23 22.04 35.08 -18.74
N ASN A 24 22.51 34.81 -19.96
CA ASN A 24 21.68 34.15 -20.99
C ASN A 24 21.41 32.69 -20.65
N GLN A 25 22.38 32.09 -19.95
CA GLN A 25 22.28 30.72 -19.44
C GLN A 25 21.12 30.57 -18.42
N LEU A 26 21.11 31.44 -17.41
CA LEU A 26 20.01 31.57 -16.47
C LEU A 26 18.66 31.84 -17.14
N GLN A 27 18.68 32.83 -18.02
CA GLN A 27 17.49 33.24 -18.81
C GLN A 27 16.92 32.06 -19.59
N ALA A 28 17.79 31.30 -20.24
CA ALA A 28 17.40 30.08 -20.99
C ALA A 28 16.79 29.04 -20.06
N THR A 29 17.53 28.75 -18.98
CA THR A 29 17.13 27.79 -17.97
C THR A 29 15.75 28.12 -17.43
N GLN A 30 15.37 29.40 -17.37
CA GLN A 30 14.07 29.78 -16.82
C GLN A 30 12.98 29.76 -17.79
N ALA A 31 13.34 30.03 -19.04
CA ALA A 31 12.43 29.85 -20.16
C ALA A 31 12.03 28.39 -20.25
N ALA A 32 13.04 27.50 -20.15
CA ALA A 32 12.86 26.02 -20.02
C ALA A 32 11.85 25.69 -18.95
N ARG A 33 12.18 26.14 -17.75
CA ARG A 33 11.34 25.94 -16.59
C ARG A 33 9.91 26.34 -16.82
N LYS A 34 9.72 27.51 -17.40
CA LYS A 34 8.35 27.98 -17.66
C LYS A 34 7.56 27.10 -18.63
N LEU A 35 8.25 26.51 -19.60
CA LEU A 35 7.60 25.69 -20.63
C LEU A 35 7.22 24.38 -20.01
N LEU A 36 8.17 23.79 -19.30
CA LEU A 36 7.88 22.55 -18.59
C LEU A 36 6.80 22.69 -17.53
N SER A 37 6.51 23.90 -17.06
CA SER A 37 5.50 24.17 -16.00
C SER A 37 4.07 24.43 -16.45
N ARG A 38 3.81 24.48 -17.75
CA ARG A 38 2.42 24.59 -18.21
C ARG A 38 1.81 23.19 -18.29
N GLU A 39 0.49 23.14 -18.28
CA GLU A 39 -0.21 21.86 -18.46
C GLU A 39 -0.07 21.31 -19.90
N LYS A 40 -0.30 22.16 -20.90
CA LYS A 40 -0.46 21.69 -22.28
C LYS A 40 0.92 21.31 -22.87
N GLN A 41 1.31 20.05 -22.63
CA GLN A 41 2.46 19.38 -23.29
C GLN A 41 3.82 20.06 -23.10
N PRO A 42 4.35 19.93 -21.91
CA PRO A 42 5.77 20.24 -21.79
C PRO A 42 6.65 19.58 -22.90
N PRO A 43 7.30 20.40 -23.71
CA PRO A 43 8.27 19.85 -24.63
C PRO A 43 9.43 19.15 -23.92
N ILE A 44 9.17 17.87 -23.51
CA ILE A 44 10.15 17.22 -22.65
C ILE A 44 11.14 16.53 -23.58
N ASP A 45 10.61 15.81 -24.55
CA ASP A 45 11.44 15.06 -25.49
C ASP A 45 12.47 15.99 -26.23
N ASN A 46 11.93 17.09 -26.71
CA ASN A 46 12.67 18.20 -27.35
C ASN A 46 13.94 18.62 -26.62
N ILE A 47 13.74 18.94 -25.33
CA ILE A 47 14.79 19.36 -24.41
C ILE A 47 15.94 18.32 -24.29
N ILE A 48 15.52 17.04 -24.23
CA ILE A 48 16.44 15.89 -24.19
C ILE A 48 17.09 15.75 -25.54
N ARG A 49 16.25 15.65 -26.60
CA ARG A 49 16.70 15.58 -28.00
C ARG A 49 17.91 16.49 -28.12
N ALA A 50 17.68 17.77 -27.75
CA ALA A 50 18.68 18.84 -27.84
C ALA A 50 19.98 18.66 -27.03
N GLY A 51 20.03 17.72 -26.10
CA GLY A 51 21.26 17.49 -25.31
C GLY A 51 21.53 18.54 -24.23
N LEU A 52 20.46 19.12 -23.67
CA LEU A 52 20.56 20.08 -22.52
C LEU A 52 20.75 19.45 -21.10
N ILE A 53 20.25 18.24 -20.90
CA ILE A 53 20.19 17.68 -19.58
C ILE A 53 21.54 17.79 -18.87
N PRO A 54 22.67 17.39 -19.54
CA PRO A 54 23.98 17.42 -18.81
C PRO A 54 24.49 18.85 -18.59
N LYS A 55 23.93 19.83 -19.31
CA LYS A 55 24.09 21.26 -19.00
C LYS A 55 23.29 21.67 -17.73
N PHE A 56 21.95 21.46 -17.76
CA PHE A 56 21.11 21.58 -16.53
C PHE A 56 21.80 20.92 -15.32
N VAL A 57 22.20 19.66 -15.48
CA VAL A 57 22.97 18.95 -14.46
C VAL A 57 24.20 19.75 -14.01
N SER A 58 24.93 20.35 -14.97
CA SER A 58 26.05 21.20 -14.63
C SER A 58 25.58 22.47 -13.92
N PHE A 59 24.41 23.01 -14.29
CA PHE A 59 23.87 24.21 -13.59
C PHE A 59 23.63 23.94 -12.10
N LEU A 60 23.06 22.77 -11.79
CA LEU A 60 22.85 22.32 -10.41
C LEU A 60 24.10 22.50 -9.56
N GLY A 61 25.27 22.28 -10.17
CA GLY A 61 26.59 22.53 -9.53
C GLY A 61 26.95 23.96 -9.15
N ARG A 62 26.32 24.95 -9.78
CA ARG A 62 26.66 26.40 -9.57
C ARG A 62 26.28 27.06 -8.24
N THR A 63 26.99 26.72 -7.17
CA THR A 63 26.82 27.44 -5.89
C THR A 63 26.85 28.99 -6.00
N ASP A 64 27.77 29.50 -6.82
CA ASP A 64 27.87 30.94 -7.21
C ASP A 64 26.53 31.63 -7.61
N CYS A 65 25.64 30.87 -8.27
CA CYS A 65 24.39 31.36 -8.86
C CYS A 65 23.10 30.58 -8.41
N SER A 66 22.63 30.86 -7.20
CA SER A 66 21.43 30.20 -6.67
C SER A 66 20.26 30.14 -7.64
N PRO A 67 20.02 31.25 -8.36
CA PRO A 67 18.82 31.22 -9.21
C PRO A 67 18.91 30.20 -10.33
N ILE A 68 20.12 29.95 -10.81
CA ILE A 68 20.26 29.01 -11.90
C ILE A 68 20.18 27.60 -11.36
N GLN A 69 20.52 27.41 -10.09
CA GLN A 69 20.34 26.10 -9.45
C GLN A 69 18.86 25.83 -9.32
N PHE A 70 18.12 26.81 -8.81
CA PHE A 70 16.69 26.67 -8.64
C PHE A 70 16.01 26.37 -9.94
N GLU A 71 16.39 27.09 -10.97
CA GLU A 71 15.64 27.05 -12.23
C GLU A 71 15.87 25.71 -12.90
N SER A 72 17.10 25.22 -12.93
CA SER A 72 17.34 23.89 -13.45
C SER A 72 16.75 22.79 -12.57
N ALA A 73 16.89 22.88 -11.27
CA ALA A 73 16.24 21.86 -10.42
C ALA A 73 14.78 21.69 -10.80
N TRP A 74 14.07 22.80 -10.94
CA TRP A 74 12.66 22.72 -11.22
C TRP A 74 12.50 22.05 -12.59
N ALA A 75 13.20 22.59 -13.58
CA ALA A 75 13.21 22.05 -14.95
C ALA A 75 13.39 20.49 -15.03
N LEU A 76 14.48 20.01 -14.47
CA LEU A 76 14.74 18.59 -14.29
C LEU A 76 13.65 17.81 -13.52
N THR A 77 13.17 18.34 -12.40
CA THR A 77 12.04 17.75 -11.70
C THR A 77 10.89 17.42 -12.59
N ASN A 78 10.49 18.37 -13.41
CA ASN A 78 9.36 18.19 -14.31
C ASN A 78 9.65 17.23 -15.48
N ILE A 79 10.92 17.15 -15.90
CA ILE A 79 11.31 16.16 -16.90
C ILE A 79 11.10 14.81 -16.21
N ALA A 80 11.78 14.66 -15.07
CA ALA A 80 11.79 13.43 -14.27
C ALA A 80 10.41 12.95 -13.82
N SER A 81 9.37 13.75 -14.06
CA SER A 81 8.03 13.43 -13.65
C SER A 81 7.17 12.80 -14.73
N GLY A 82 7.79 12.53 -15.88
CA GLY A 82 7.12 11.82 -16.99
C GLY A 82 7.56 10.36 -17.05
N THR A 83 7.82 9.88 -18.26
CA THR A 83 7.99 8.46 -18.54
C THR A 83 9.31 7.95 -18.05
N SER A 84 9.45 6.63 -18.05
CA SER A 84 10.72 6.02 -17.64
C SER A 84 11.85 6.49 -18.53
N GLU A 85 11.60 6.58 -19.84
CA GLU A 85 12.65 7.01 -20.77
C GLU A 85 13.12 8.43 -20.36
N GLN A 86 12.14 9.33 -20.28
CA GLN A 86 12.33 10.70 -19.75
C GLN A 86 13.07 10.75 -18.42
N THR A 87 12.57 9.98 -17.46
CA THR A 87 13.21 9.93 -16.14
C THR A 87 14.66 9.43 -16.35
N LYS A 88 14.81 8.39 -17.17
CA LYS A 88 16.13 7.80 -17.47
C LYS A 88 17.09 8.82 -18.06
N ALA A 89 16.61 9.63 -19.00
CA ALA A 89 17.50 10.68 -19.58
C ALA A 89 18.17 11.52 -18.49
N VAL A 90 17.33 11.91 -17.49
CA VAL A 90 17.76 12.65 -16.27
C VAL A 90 18.85 11.91 -15.48
N VAL A 91 18.61 10.60 -15.34
CA VAL A 91 19.54 9.73 -14.65
C VAL A 91 20.81 9.55 -15.49
N ASP A 92 20.65 9.18 -16.75
CA ASP A 92 21.77 9.07 -17.71
C ASP A 92 22.64 10.34 -17.74
N GLY A 93 21.97 11.50 -17.65
CA GLY A 93 22.66 12.78 -17.52
C GLY A 93 23.51 12.95 -16.27
N GLY A 94 23.38 12.06 -15.30
CA GLY A 94 24.08 12.20 -14.01
C GLY A 94 23.40 13.16 -12.99
N ALA A 95 22.09 13.33 -13.08
CA ALA A 95 21.35 14.17 -12.12
C ALA A 95 21.52 13.75 -10.64
N ILE A 96 21.49 12.42 -10.40
CA ILE A 96 21.29 11.87 -9.07
C ILE A 96 22.31 12.37 -8.12
N PRO A 97 23.58 12.11 -8.39
CA PRO A 97 24.58 12.55 -7.37
C PRO A 97 24.63 14.07 -7.23
N ALA A 98 24.27 14.77 -8.30
CA ALA A 98 24.18 16.24 -8.26
C ALA A 98 23.02 16.72 -7.35
N PHE A 99 21.84 16.21 -7.59
CA PHE A 99 20.71 16.42 -6.65
C PHE A 99 21.01 16.11 -5.18
N ILE A 100 21.69 15.01 -4.91
CA ILE A 100 22.08 14.71 -3.53
C ILE A 100 23.01 15.79 -2.93
N SER A 101 23.94 16.31 -3.77
CA SER A 101 24.82 17.42 -3.34
C SER A 101 23.93 18.62 -3.01
N LEU A 102 22.92 18.86 -3.86
CA LEU A 102 21.97 19.98 -3.65
C LEU A 102 21.17 19.90 -2.35
N LEU A 103 20.88 18.69 -1.89
CA LEU A 103 20.16 18.53 -0.64
C LEU A 103 20.72 19.32 0.56
N ALA A 104 22.00 19.67 0.52
CA ALA A 104 22.62 20.41 1.64
C ALA A 104 22.83 21.91 1.36
N SER A 105 22.18 22.44 0.32
CA SER A 105 22.17 23.86 0.03
C SER A 105 21.68 24.69 1.21
N PRO A 106 22.27 25.88 1.46
CA PRO A 106 21.68 26.70 2.51
C PRO A 106 20.31 27.28 2.12
N HIS A 107 19.98 27.25 0.84
CA HIS A 107 18.68 27.71 0.34
C HIS A 107 17.67 26.57 0.37
N ALA A 108 16.61 26.77 1.14
CA ALA A 108 15.66 25.72 1.43
C ALA A 108 14.91 25.36 0.16
N HIS A 109 14.58 26.39 -0.63
CA HIS A 109 13.79 26.24 -1.87
C HIS A 109 14.54 25.41 -2.91
N ILE A 110 15.86 25.41 -2.85
CA ILE A 110 16.71 24.65 -3.74
C ILE A 110 16.82 23.22 -3.23
N SER A 111 17.11 23.07 -1.94
CA SER A 111 17.14 21.76 -1.28
C SER A 111 15.83 21.01 -1.54
N GLU A 112 14.69 21.68 -1.35
CA GLU A 112 13.41 21.06 -1.47
C GLU A 112 13.05 20.76 -2.92
N GLN A 113 13.60 21.53 -3.86
CA GLN A 113 13.46 21.16 -5.24
C GLN A 113 14.21 19.85 -5.54
N ALA A 114 15.44 19.73 -5.06
CA ALA A 114 16.20 18.46 -5.12
C ALA A 114 15.48 17.26 -4.48
N VAL A 115 14.93 17.48 -3.29
CA VAL A 115 14.10 16.47 -2.66
C VAL A 115 13.02 16.07 -3.63
N TRP A 116 12.26 17.04 -4.16
CA TRP A 116 11.13 16.74 -5.09
C TRP A 116 11.62 15.93 -6.34
N ALA A 117 12.72 16.35 -6.95
CA ALA A 117 13.28 15.59 -8.06
C ALA A 117 13.69 14.16 -7.67
N LEU A 118 14.36 13.98 -6.53
CA LEU A 118 14.75 12.65 -6.11
C LEU A 118 13.50 11.80 -5.86
N GLY A 119 12.38 12.41 -5.51
CA GLY A 119 11.16 11.67 -5.32
C GLY A 119 10.70 11.04 -6.60
N ASN A 120 10.84 11.80 -7.69
CA ASN A 120 10.33 11.38 -8.98
C ASN A 120 11.22 10.32 -9.61
N ILE A 121 12.52 10.50 -9.49
CA ILE A 121 13.50 9.54 -9.96
C ILE A 121 13.14 8.22 -9.28
N ALA A 122 13.18 8.20 -7.94
CA ALA A 122 12.87 7.00 -7.15
C ALA A 122 11.45 6.43 -7.39
N GLY A 123 10.49 7.32 -7.66
CA GLY A 123 9.07 6.96 -7.98
C GLY A 123 8.85 6.19 -9.28
N ASP A 124 9.91 6.12 -10.10
CA ASP A 124 9.80 5.44 -11.40
C ASP A 124 9.65 3.94 -11.15
N GLY A 125 10.64 3.37 -10.45
CA GLY A 125 10.48 2.09 -9.81
C GLY A 125 11.72 1.69 -9.03
N SER A 126 11.90 0.37 -8.90
CA SER A 126 12.91 -0.21 -8.00
C SER A 126 14.35 0.06 -8.44
N VAL A 127 14.55 0.19 -9.76
CA VAL A 127 15.92 0.36 -10.25
C VAL A 127 16.38 1.76 -9.85
N PHE A 128 15.69 2.79 -10.33
CA PHE A 128 16.15 4.16 -10.05
C PHE A 128 16.12 4.45 -8.53
N ARG A 129 15.10 3.89 -7.84
CA ARG A 129 15.06 3.89 -6.37
C ARG A 129 16.32 3.36 -5.74
N ASP A 130 16.79 2.20 -6.21
CA ASP A 130 18.06 1.63 -5.68
C ASP A 130 19.28 2.48 -6.04
N LEU A 131 19.19 3.15 -7.19
CA LEU A 131 20.29 4.02 -7.63
C LEU A 131 20.46 5.28 -6.74
N VAL A 132 19.33 5.94 -6.50
CA VAL A 132 19.19 7.04 -5.53
C VAL A 132 19.69 6.66 -4.13
N ILE A 133 19.36 5.44 -3.68
CA ILE A 133 19.89 4.95 -2.39
C ILE A 133 21.37 4.66 -2.51
N LYS A 134 21.78 4.01 -3.60
CA LYS A 134 23.22 3.72 -3.79
C LYS A 134 24.10 4.97 -3.82
N TYR A 135 23.66 6.02 -4.52
CA TYR A 135 24.43 7.25 -4.56
C TYR A 135 24.49 8.06 -3.25
N GLY A 136 23.70 7.68 -2.25
CA GLY A 136 23.82 8.25 -0.90
C GLY A 136 22.76 9.24 -0.48
N ALA A 137 21.54 9.11 -1.04
CA ALA A 137 20.45 10.06 -0.74
C ALA A 137 19.90 9.98 0.69
N VAL A 138 19.92 8.79 1.29
CA VAL A 138 19.22 8.59 2.54
C VAL A 138 19.67 9.43 3.73
N ASP A 139 20.97 9.52 3.94
CA ASP A 139 21.47 10.30 5.10
C ASP A 139 21.05 11.77 4.99
N PRO A 140 21.30 12.41 3.83
CA PRO A 140 20.91 13.81 3.73
C PRO A 140 19.38 14.06 3.83
N LEU A 141 18.56 13.18 3.25
CA LEU A 141 17.09 13.28 3.34
C LEU A 141 16.63 13.21 4.79
N LEU A 142 17.12 12.20 5.52
CA LEU A 142 16.84 12.04 6.93
C LEU A 142 17.42 13.17 7.72
N ALA A 143 18.63 13.60 7.42
CA ALA A 143 19.14 14.75 8.15
C ALA A 143 18.15 15.96 8.14
N LEU A 144 17.41 16.13 7.02
CA LEU A 144 16.45 17.25 6.89
C LEU A 144 15.24 17.10 7.78
N LEU A 145 14.87 15.85 8.01
CA LEU A 145 13.70 15.47 8.80
C LEU A 145 14.05 15.08 10.21
N ALA A 146 15.19 14.42 10.41
CA ALA A 146 15.59 13.96 11.75
C ALA A 146 15.90 15.27 12.35
N VAL A 147 15.26 15.66 13.44
CA VAL A 147 15.63 16.92 14.01
C VAL A 147 15.21 17.26 15.43
N PRO A 148 15.94 18.21 16.03
CA PRO A 148 15.42 19.00 17.13
C PRO A 148 14.58 20.20 16.67
N ASP A 149 14.56 20.42 15.34
CA ASP A 149 13.89 21.58 14.70
C ASP A 149 12.97 21.55 13.44
N MET A 150 12.52 20.36 13.11
CA MET A 150 11.69 20.07 11.97
C MET A 150 10.50 20.96 12.06
N SER A 151 10.06 21.18 13.29
CA SER A 151 9.06 22.19 13.59
C SER A 151 9.25 23.48 12.79
N SER A 152 10.51 23.74 12.42
CA SER A 152 10.91 24.89 11.61
C SER A 152 10.80 24.67 10.09
N LEU A 153 10.35 23.50 9.66
CA LEU A 153 10.16 23.16 8.27
C LEU A 153 8.75 23.57 7.92
N ALA A 154 8.59 24.20 6.76
CA ALA A 154 7.25 24.45 6.27
C ALA A 154 6.53 23.11 6.07
N CYS A 155 5.22 23.09 6.25
CA CYS A 155 4.46 21.86 6.05
C CYS A 155 4.56 21.31 4.62
N GLY A 156 4.63 22.20 3.62
CA GLY A 156 4.77 21.80 2.25
C GLY A 156 6.07 21.03 2.01
N TYR A 157 7.11 21.49 2.66
CA TYR A 157 8.39 20.79 2.67
C TYR A 157 8.33 19.47 3.38
N LEU A 158 7.75 19.46 4.58
CA LEU A 158 7.63 18.21 5.31
C LEU A 158 6.92 17.15 4.49
N ARG A 159 5.75 17.52 3.93
CA ARG A 159 4.98 16.66 3.04
C ARG A 159 5.82 16.22 1.85
N ASN A 160 6.62 17.11 1.32
CA ASN A 160 7.45 16.80 0.18
C ASN A 160 8.55 15.70 0.47
N LEU A 161 9.25 15.90 1.58
CA LEU A 161 10.19 14.93 2.16
C LEU A 161 9.56 13.60 2.48
N THR A 162 8.38 13.65 3.11
CA THR A 162 7.72 12.45 3.52
C THR A 162 7.39 11.61 2.30
N TRP A 163 6.85 12.27 1.28
CA TRP A 163 6.45 11.61 0.03
C TRP A 163 7.70 11.00 -0.68
N THR A 164 8.78 11.75 -0.76
CA THR A 164 10.02 11.21 -1.29
C THR A 164 10.50 9.97 -0.48
N LEU A 165 10.62 10.11 0.85
CA LEU A 165 10.95 8.95 1.69
C LEU A 165 10.06 7.80 1.37
N SER A 166 8.76 8.07 1.25
CA SER A 166 7.81 6.99 0.94
C SER A 166 8.19 6.33 -0.36
N ASN A 167 8.68 7.08 -1.35
CA ASN A 167 8.98 6.48 -2.64
C ASN A 167 10.19 5.55 -2.55
N LEU A 168 11.14 5.93 -1.69
CA LEU A 168 12.24 5.10 -1.32
C LEU A 168 11.86 3.78 -0.64
N CYS A 169 10.67 3.71 -0.07
CA CYS A 169 10.16 2.50 0.54
C CYS A 169 9.25 1.73 -0.35
N ARG A 170 8.91 2.25 -1.53
CA ARG A 170 7.75 1.78 -2.29
C ARG A 170 7.67 0.48 -3.11
N ASN A 171 8.57 0.15 -4.00
CA ASN A 171 8.18 -1.03 -4.88
C ASN A 171 8.80 -2.35 -4.45
N LYS A 172 8.50 -3.42 -5.18
CA LYS A 172 9.24 -4.67 -4.98
C LYS A 172 9.75 -5.28 -6.31
N ASN A 173 10.39 -6.43 -6.18
CA ASN A 173 10.98 -7.13 -7.32
C ASN A 173 12.11 -6.27 -7.91
N PRO A 174 13.14 -5.94 -7.11
CA PRO A 174 13.26 -6.23 -5.66
C PRO A 174 12.64 -5.20 -4.69
N ALA A 175 12.31 -5.64 -3.49
CA ALA A 175 12.04 -4.75 -2.38
C ALA A 175 13.29 -3.94 -2.14
N PRO A 176 13.19 -2.84 -1.36
CA PRO A 176 14.33 -1.96 -1.07
C PRO A 176 15.41 -2.63 -0.28
N PRO A 177 16.67 -2.15 -0.35
CA PRO A 177 17.74 -2.71 0.47
C PRO A 177 17.36 -2.67 1.91
N ILE A 178 17.78 -3.67 2.66
CA ILE A 178 17.41 -3.79 4.06
C ILE A 178 18.03 -2.76 4.95
N ASP A 179 19.27 -2.39 4.72
CA ASP A 179 19.91 -1.49 5.73
C ASP A 179 19.48 -0.06 5.54
N ALA A 180 18.96 0.24 4.35
CA ALA A 180 18.36 1.56 4.08
C ALA A 180 17.02 1.68 4.87
N VAL A 181 16.20 0.65 4.73
CA VAL A 181 15.01 0.51 5.53
C VAL A 181 15.25 0.61 7.04
N GLU A 182 16.31 0.00 7.56
CA GLU A 182 16.61 0.07 9.00
C GLU A 182 16.95 1.49 9.41
N GLN A 183 17.64 2.18 8.51
CA GLN A 183 18.08 3.55 8.73
C GLN A 183 16.89 4.53 8.73
N ILE A 184 15.90 4.28 7.86
CA ILE A 184 14.74 5.13 7.63
C ILE A 184 13.59 4.94 8.61
N LEU A 185 13.23 3.70 8.85
CA LEU A 185 12.15 3.35 9.79
C LEU A 185 11.97 4.20 11.06
N PRO A 186 13.05 4.50 11.80
CA PRO A 186 12.89 5.35 13.00
C PRO A 186 12.30 6.76 12.74
N THR A 187 12.56 7.33 11.57
CA THR A 187 11.94 8.58 11.18
C THR A 187 10.47 8.34 10.89
N LEU A 188 10.18 7.32 10.10
CA LEU A 188 8.82 6.99 9.84
C LEU A 188 7.97 6.81 11.11
N VAL A 189 8.54 6.13 12.10
CA VAL A 189 7.80 5.81 13.33
C VAL A 189 7.45 7.13 14.03
N ARG A 190 8.43 8.01 14.08
CA ARG A 190 8.26 9.34 14.62
C ARG A 190 7.20 10.19 13.84
N LEU A 191 7.22 10.13 12.50
CA LEU A 191 6.30 10.90 11.71
C LEU A 191 4.88 10.39 11.86
N LEU A 192 4.72 9.21 12.42
CA LEU A 192 3.41 8.63 12.60
C LEU A 192 2.69 9.29 13.79
N HIS A 193 3.42 10.09 14.58
CA HIS A 193 2.84 10.94 15.62
C HIS A 193 2.67 12.42 15.25
N HIS A 194 2.79 12.75 13.97
CA HIS A 194 2.63 14.13 13.51
C HIS A 194 1.12 14.40 13.47
N ASP A 195 0.72 15.63 13.20
CA ASP A 195 -0.72 15.96 13.07
C ASP A 195 -1.22 16.32 11.67
N ASP A 196 -0.32 16.68 10.77
CA ASP A 196 -0.67 16.96 9.37
C ASP A 196 -1.21 15.71 8.66
N PRO A 197 -2.43 15.77 8.11
CA PRO A 197 -2.98 14.56 7.54
C PRO A 197 -2.26 13.99 6.31
N GLU A 198 -1.54 14.81 5.58
CA GLU A 198 -0.82 14.34 4.45
C GLU A 198 0.53 13.67 4.88
N VAL A 199 1.26 14.25 5.79
CA VAL A 199 2.38 13.57 6.40
C VAL A 199 1.91 12.20 6.87
N LEU A 200 0.85 12.15 7.67
CA LEU A 200 0.42 10.93 8.26
C LEU A 200 0.15 9.90 7.20
N ALA A 201 -0.59 10.27 6.16
CA ALA A 201 -0.99 9.32 5.12
C ALA A 201 0.24 8.84 4.38
N ASP A 202 1.18 9.73 4.09
CA ASP A 202 2.36 9.35 3.33
C ASP A 202 3.21 8.37 4.15
N THR A 203 3.35 8.62 5.45
CA THR A 203 4.20 7.75 6.22
C THR A 203 3.50 6.44 6.50
N CYS A 204 2.19 6.47 6.69
CA CYS A 204 1.45 5.23 6.82
C CYS A 204 1.53 4.33 5.58
N TRP A 205 1.47 4.94 4.41
CA TRP A 205 1.56 4.17 3.15
C TRP A 205 3.00 3.62 3.02
N ALA A 206 3.98 4.36 3.48
CA ALA A 206 5.33 3.89 3.46
C ALA A 206 5.47 2.61 4.33
N ILE A 207 4.95 2.63 5.56
CA ILE A 207 4.92 1.54 6.49
C ILE A 207 4.19 0.42 5.78
N SER A 208 3.10 0.76 5.08
CA SER A 208 2.36 -0.29 4.43
C SER A 208 3.23 -1.05 3.40
N TYR A 209 4.16 -0.36 2.74
CA TYR A 209 4.96 -0.96 1.67
C TYR A 209 6.03 -1.87 2.26
N LEU A 210 6.64 -1.34 3.31
CA LEU A 210 7.64 -2.03 4.04
C LEU A 210 7.10 -3.34 4.70
N THR A 211 5.82 -3.37 5.02
CA THR A 211 5.15 -4.55 5.56
C THR A 211 4.61 -5.54 4.50
N ASP A 212 4.81 -5.22 3.22
CA ASP A 212 4.27 -6.03 2.13
C ASP A 212 5.43 -6.87 1.55
N GLY A 213 5.64 -8.04 2.15
CA GLY A 213 6.65 -8.97 1.73
C GLY A 213 6.97 -10.06 2.75
N PRO A 214 8.20 -10.60 2.69
CA PRO A 214 8.54 -11.68 3.58
C PRO A 214 8.48 -11.31 5.07
N ASN A 215 8.24 -12.32 5.89
CA ASN A 215 8.24 -12.17 7.34
C ASN A 215 9.36 -11.35 7.88
N GLU A 216 10.54 -11.49 7.28
CA GLU A 216 11.73 -10.75 7.70
C GLU A 216 11.43 -9.23 7.70
N ARG A 217 10.73 -8.78 6.65
CA ARG A 217 10.43 -7.34 6.46
C ARG A 217 9.38 -6.92 7.46
N ILE A 218 8.34 -7.76 7.61
CA ILE A 218 7.31 -7.53 8.63
C ILE A 218 7.99 -7.38 9.95
N GLY A 219 8.92 -8.30 10.25
CA GLY A 219 9.59 -8.28 11.54
C GLY A 219 10.36 -7.01 11.84
N MET A 220 11.07 -6.47 10.87
CA MET A 220 11.83 -5.22 11.20
C MET A 220 10.93 -4.04 11.51
N VAL A 221 9.71 -4.08 10.97
CA VAL A 221 8.75 -3.02 11.25
C VAL A 221 8.15 -3.17 12.62
N VAL A 222 7.69 -4.38 12.91
CA VAL A 222 7.08 -4.63 14.22
C VAL A 222 8.00 -4.35 15.42
N LYS A 223 9.29 -4.61 15.26
CA LYS A 223 10.29 -4.45 16.30
C LYS A 223 10.48 -3.00 16.73
N THR A 224 10.14 -2.04 15.84
CA THR A 224 10.23 -0.58 16.16
C THR A 224 9.27 -0.14 17.25
N GLY A 225 8.23 -0.93 17.45
CA GLY A 225 7.23 -0.60 18.43
C GLY A 225 6.09 0.23 17.87
N VAL A 226 6.07 0.48 16.57
CA VAL A 226 5.01 1.26 15.97
C VAL A 226 3.56 0.72 16.03
N VAL A 227 3.33 -0.58 16.23
CA VAL A 227 1.99 -1.21 15.90
C VAL A 227 0.82 -0.60 16.71
N PRO A 228 1.06 -0.26 18.02
CA PRO A 228 0.04 0.42 18.82
C PRO A 228 -0.35 1.75 18.21
N GLN A 229 0.63 2.47 17.70
CA GLN A 229 0.37 3.69 16.99
C GLN A 229 -0.43 3.47 15.73
N LEU A 230 -0.07 2.44 14.97
CA LEU A 230 -0.92 2.07 13.83
C LEU A 230 -2.39 1.81 14.21
N VAL A 231 -2.59 1.13 15.34
CA VAL A 231 -3.93 0.88 15.83
C VAL A 231 -4.65 2.13 16.29
N LYS A 232 -3.94 3.12 16.86
CA LYS A 232 -4.60 4.39 17.22
C LYS A 232 -5.11 5.07 15.95
N LEU A 233 -4.29 5.12 14.90
CA LEU A 233 -4.70 5.64 13.60
C LEU A 233 -5.87 4.90 12.90
N LEU A 234 -5.92 3.61 13.15
CA LEU A 234 -6.91 2.75 12.57
C LEU A 234 -8.26 3.12 13.15
N GLY A 235 -8.20 3.64 14.38
CA GLY A 235 -9.40 4.11 15.13
C GLY A 235 -9.90 5.52 14.76
N ALA A 236 -9.11 6.29 14.05
CA ALA A 236 -9.44 7.66 13.77
C ALA A 236 -10.42 7.73 12.60
N SER A 237 -11.67 7.37 12.88
CA SER A 237 -12.74 7.26 11.87
C SER A 237 -13.15 8.59 11.20
N GLU A 238 -12.78 9.69 11.82
CA GLU A 238 -13.01 10.98 11.24
C GLU A 238 -11.96 11.31 10.16
N LEU A 239 -10.84 10.56 10.10
CA LEU A 239 -9.75 10.91 9.19
C LEU A 239 -9.62 9.91 8.03
N PRO A 240 -8.99 10.31 6.91
CA PRO A 240 -8.80 9.38 5.80
C PRO A 240 -7.61 8.40 5.99
N ILE A 241 -6.91 8.59 7.08
CA ILE A 241 -5.76 7.80 7.45
C ILE A 241 -6.12 6.31 7.79
N VAL A 242 -7.39 6.02 8.03
CA VAL A 242 -7.86 4.67 8.31
C VAL A 242 -7.39 3.67 7.24
N THR A 243 -7.49 4.09 6.00
CA THR A 243 -7.17 3.22 4.90
C THR A 243 -5.68 2.75 4.90
N PRO A 244 -4.73 3.69 4.87
CA PRO A 244 -3.37 3.18 4.93
C PRO A 244 -3.00 2.44 6.23
N ALA A 245 -3.52 2.86 7.39
CA ALA A 245 -3.20 2.18 8.64
C ALA A 245 -3.72 0.73 8.61
N LEU A 246 -4.91 0.55 8.08
CA LEU A 246 -5.48 -0.71 7.86
C LEU A 246 -4.67 -1.57 6.91
N ARG A 247 -4.17 -0.98 5.81
CA ARG A 247 -3.34 -1.75 4.90
C ARG A 247 -2.11 -2.33 5.61
N ALA A 248 -1.48 -1.53 6.44
CA ALA A 248 -0.30 -1.88 7.10
C ALA A 248 -0.58 -2.96 8.18
N ILE A 249 -1.69 -2.83 8.88
CA ILE A 249 -2.09 -3.84 9.84
C ILE A 249 -2.44 -5.17 9.16
N GLY A 250 -3.20 -5.12 8.08
CA GLY A 250 -3.48 -6.30 7.28
C GLY A 250 -2.18 -6.97 6.80
N ASN A 251 -1.20 -6.17 6.41
CA ASN A 251 0.07 -6.74 5.95
C ASN A 251 0.78 -7.45 7.13
N ILE A 252 0.87 -6.78 8.26
CA ILE A 252 1.46 -7.38 9.41
C ILE A 252 0.88 -8.78 9.76
N VAL A 253 -0.44 -9.00 9.62
CA VAL A 253 -1.07 -10.24 9.97
C VAL A 253 -1.01 -11.29 8.86
N THR A 254 -0.31 -11.02 7.76
CA THR A 254 0.05 -12.07 6.83
C THR A 254 1.34 -12.79 7.26
N GLY A 255 1.97 -12.31 8.32
CA GLY A 255 3.25 -12.88 8.83
C GLY A 255 3.06 -14.05 9.80
N THR A 256 4.06 -14.23 10.67
CA THR A 256 4.03 -15.25 11.75
C THR A 256 2.85 -15.04 12.72
N ASP A 257 2.52 -16.12 13.41
CA ASP A 257 1.58 -16.10 14.49
C ASP A 257 2.02 -15.11 15.56
N GLU A 258 3.30 -15.03 15.81
CA GLU A 258 3.86 -14.07 16.79
C GLU A 258 3.62 -12.60 16.33
N GLN A 259 3.78 -12.35 15.02
CA GLN A 259 3.59 -11.00 14.45
C GLN A 259 2.08 -10.63 14.55
N THR A 260 1.22 -11.53 14.07
CA THR A 260 -0.19 -11.40 14.25
C THR A 260 -0.53 -11.09 15.70
N GLN A 261 0.16 -11.71 16.65
CA GLN A 261 -0.14 -11.54 18.06
C GLN A 261 0.25 -10.18 18.59
N VAL A 262 1.32 -9.58 18.05
CA VAL A 262 1.61 -8.13 18.33
C VAL A 262 0.40 -7.19 17.95
N VAL A 263 -0.31 -7.53 16.88
CA VAL A 263 -1.42 -6.69 16.46
C VAL A 263 -2.52 -6.83 17.49
N ILE A 264 -2.93 -8.07 17.76
CA ILE A 264 -3.93 -8.37 18.79
C ILE A 264 -3.58 -7.74 20.17
N ASP A 265 -2.36 -7.91 20.63
CA ASP A 265 -2.00 -7.33 21.90
C ASP A 265 -2.04 -5.80 21.89
N ALA A 266 -1.71 -5.15 20.78
CA ALA A 266 -1.81 -3.69 20.68
C ALA A 266 -3.27 -3.21 20.70
N GLY A 267 -4.19 -4.13 20.46
CA GLY A 267 -5.60 -3.93 20.76
C GLY A 267 -6.41 -3.67 19.54
N ALA A 268 -5.94 -4.15 18.40
CA ALA A 268 -6.59 -3.88 17.14
C ALA A 268 -8.00 -4.39 17.00
N LEU A 269 -8.37 -5.47 17.70
CA LEU A 269 -9.64 -6.14 17.36
C LEU A 269 -10.86 -5.29 17.84
N ALA A 270 -10.67 -4.52 18.92
CA ALA A 270 -11.71 -3.62 19.40
C ALA A 270 -12.20 -2.59 18.37
N VAL A 271 -11.39 -2.25 17.38
CA VAL A 271 -11.75 -1.31 16.30
C VAL A 271 -12.59 -1.91 15.21
N PHE A 272 -12.60 -3.22 15.12
CA PHE A 272 -13.22 -3.88 13.95
C PHE A 272 -14.73 -3.80 13.85
N PRO A 273 -15.44 -3.80 14.97
CA PRO A 273 -16.88 -3.54 14.80
C PRO A 273 -17.17 -2.30 13.89
N SER A 274 -16.42 -1.20 14.02
CA SER A 274 -16.71 -0.03 13.20
C SER A 274 -16.16 -0.24 11.81
N LEU A 275 -14.98 -0.88 11.70
CA LEU A 275 -14.43 -1.18 10.35
C LEU A 275 -15.30 -2.06 9.49
N LEU A 276 -15.97 -3.07 10.07
CA LEU A 276 -16.84 -3.95 9.25
C LEU A 276 -18.20 -3.35 8.94
N THR A 277 -18.58 -2.28 9.63
CA THR A 277 -19.85 -1.55 9.37
C THR A 277 -19.64 -0.22 8.62
N ASN A 278 -18.40 0.23 8.51
CA ASN A 278 -18.05 1.40 7.72
C ASN A 278 -18.71 1.47 6.33
N PRO A 279 -19.29 2.62 5.98
CA PRO A 279 -20.06 2.70 4.73
C PRO A 279 -19.14 2.67 3.51
N LYS A 280 -17.89 3.03 3.74
CA LYS A 280 -16.90 2.95 2.69
C LYS A 280 -16.56 1.46 2.44
N THR A 281 -17.11 0.88 1.38
CA THR A 281 -16.98 -0.58 1.09
C THR A 281 -15.53 -1.08 0.98
N ASN A 282 -14.63 -0.24 0.48
CA ASN A 282 -13.26 -0.64 0.42
C ASN A 282 -12.71 -0.95 1.81
N ILE A 283 -13.17 -0.23 2.83
CA ILE A 283 -12.70 -0.44 4.19
C ILE A 283 -13.27 -1.78 4.73
N GLN A 284 -14.55 -2.01 4.51
CA GLN A 284 -15.14 -3.33 4.73
C GLN A 284 -14.26 -4.48 4.20
N LYS A 285 -13.97 -4.45 2.91
CA LYS A 285 -13.14 -5.47 2.28
C LYS A 285 -11.79 -5.65 2.99
N GLU A 286 -11.05 -4.59 3.17
CA GLU A 286 -9.73 -4.70 3.73
C GLU A 286 -9.73 -5.15 5.23
N ALA A 287 -10.78 -4.80 5.94
CA ALA A 287 -11.01 -5.27 7.27
C ALA A 287 -11.42 -6.74 7.21
N THR A 288 -12.18 -7.16 6.21
CA THR A 288 -12.56 -8.59 6.14
C THR A 288 -11.38 -9.50 5.72
N TRP A 289 -10.57 -9.00 4.79
CA TRP A 289 -9.31 -9.61 4.45
C TRP A 289 -8.43 -9.71 5.68
N THR A 290 -8.37 -8.64 6.44
CA THR A 290 -7.55 -8.62 7.65
C THR A 290 -8.05 -9.60 8.68
N MET A 291 -9.36 -9.74 8.75
CA MET A 291 -9.95 -10.68 9.65
C MET A 291 -9.60 -12.13 9.32
N SER A 292 -9.64 -12.42 8.01
CA SER A 292 -9.44 -13.74 7.47
C SER A 292 -8.02 -14.26 7.72
N ASN A 293 -7.03 -13.40 7.72
CA ASN A 293 -5.73 -13.80 8.16
C ASN A 293 -5.55 -13.96 9.67
N ILE A 294 -6.47 -13.38 10.42
CA ILE A 294 -6.48 -13.63 11.83
C ILE A 294 -7.19 -14.97 12.10
N THR A 295 -8.32 -15.23 11.45
CA THR A 295 -8.97 -16.53 11.67
C THR A 295 -8.20 -17.75 11.09
N ALA A 296 -7.20 -17.46 10.27
CA ALA A 296 -6.18 -18.40 9.82
C ALA A 296 -5.08 -18.65 10.82
N GLY A 297 -5.19 -18.07 12.01
CA GLY A 297 -4.09 -18.09 12.94
C GLY A 297 -4.36 -19.15 13.98
N ARG A 298 -3.67 -19.06 15.11
CA ARG A 298 -3.82 -20.09 16.19
C ARG A 298 -5.23 -20.10 16.78
N GLN A 299 -5.53 -21.11 17.58
CA GLN A 299 -6.82 -21.25 18.25
C GLN A 299 -7.10 -20.20 19.31
N ASP A 300 -6.10 -19.81 20.09
CA ASP A 300 -6.24 -18.68 21.03
C ASP A 300 -6.41 -17.34 20.33
N GLN A 301 -6.00 -17.25 19.06
CA GLN A 301 -6.22 -16.05 18.23
C GLN A 301 -7.67 -16.02 17.65
N ILE A 302 -8.16 -17.13 17.11
CA ILE A 302 -9.57 -17.27 16.72
C ILE A 302 -10.45 -16.97 17.94
N GLN A 303 -9.98 -17.31 19.14
CA GLN A 303 -10.79 -17.12 20.33
C GLN A 303 -10.96 -15.63 20.65
N GLN A 304 -9.87 -14.87 20.49
CA GLN A 304 -9.94 -13.41 20.64
C GLN A 304 -10.89 -12.79 19.63
N VAL A 305 -10.95 -13.34 18.41
CA VAL A 305 -11.91 -12.84 17.43
C VAL A 305 -13.31 -13.07 17.98
N VAL A 306 -13.51 -14.24 18.58
CA VAL A 306 -14.81 -14.61 19.18
C VAL A 306 -15.13 -13.71 20.39
N ASN A 307 -14.19 -13.57 21.33
CA ASN A 307 -14.41 -12.78 22.54
C ASN A 307 -14.80 -11.33 22.32
N HIS A 308 -14.34 -10.75 21.20
CA HIS A 308 -14.61 -9.36 20.86
C HIS A 308 -15.94 -9.24 20.08
N GLY A 309 -16.68 -10.33 19.95
CA GLY A 309 -17.97 -10.31 19.27
C GLY A 309 -17.94 -10.12 17.78
N LEU A 310 -16.82 -10.45 17.12
CA LEU A 310 -16.71 -10.14 15.65
C LEU A 310 -17.37 -11.13 14.72
N VAL A 311 -17.77 -12.27 15.25
CA VAL A 311 -18.31 -13.30 14.38
C VAL A 311 -19.67 -12.93 13.78
N PRO A 312 -20.61 -12.34 14.55
CA PRO A 312 -21.89 -11.88 13.90
C PRO A 312 -21.70 -10.81 12.82
N PHE A 313 -20.62 -10.03 12.97
CA PHE A 313 -20.22 -9.08 11.96
C PHE A 313 -19.76 -9.75 10.66
N LEU A 314 -18.95 -10.82 10.76
CA LEU A 314 -18.53 -11.55 9.55
C LEU A 314 -19.69 -12.14 8.84
N VAL A 315 -20.60 -12.68 9.64
CA VAL A 315 -21.80 -13.28 9.10
C VAL A 315 -22.54 -12.21 8.40
N SER A 316 -22.66 -11.04 9.03
CA SER A 316 -23.37 -9.89 8.44
C SER A 316 -22.81 -9.57 7.06
N VAL A 317 -21.51 -9.36 7.02
CA VAL A 317 -20.78 -9.08 5.78
C VAL A 317 -20.94 -10.19 4.71
N LEU A 318 -20.97 -11.44 5.16
CA LEU A 318 -21.02 -12.61 4.27
C LEU A 318 -22.37 -12.66 3.59
N SER A 319 -23.37 -12.24 4.35
CA SER A 319 -24.75 -12.18 3.94
C SER A 319 -25.12 -10.98 3.04
N LYS A 320 -24.75 -9.75 3.43
CA LYS A 320 -25.37 -8.53 2.81
C LYS A 320 -24.45 -7.46 2.20
N ALA A 321 -23.15 -7.73 2.17
CA ALA A 321 -22.17 -6.85 1.51
C ALA A 321 -21.96 -7.21 0.04
N ASP A 322 -21.18 -6.39 -0.64
CA ASP A 322 -20.85 -6.63 -2.07
C ASP A 322 -19.96 -7.86 -2.30
N PHE A 323 -20.03 -8.40 -3.50
CA PHE A 323 -19.44 -9.68 -3.83
C PHE A 323 -17.92 -9.72 -3.57
N LYS A 324 -17.22 -8.62 -3.79
CA LYS A 324 -15.78 -8.58 -3.52
C LYS A 324 -15.50 -8.77 -2.05
N THR A 325 -16.32 -8.11 -1.22
CA THR A 325 -16.13 -8.19 0.23
C THR A 325 -16.64 -9.54 0.76
N GLN A 326 -17.69 -10.08 0.16
CA GLN A 326 -18.19 -11.43 0.43
C GLN A 326 -17.13 -12.52 0.17
N LYS A 327 -16.34 -12.40 -0.91
CA LYS A 327 -15.22 -13.31 -1.14
C LYS A 327 -14.32 -13.38 0.09
N GLU A 328 -13.89 -12.23 0.58
CA GLU A 328 -13.03 -12.15 1.73
C GLU A 328 -13.70 -12.73 2.98
N ALA A 329 -15.01 -12.57 3.08
CA ALA A 329 -15.77 -13.12 4.18
C ALA A 329 -15.70 -14.67 4.18
N VAL A 330 -15.89 -15.25 3.00
CA VAL A 330 -15.70 -16.66 2.78
C VAL A 330 -14.32 -17.14 3.29
N TRP A 331 -13.26 -16.42 2.93
CA TRP A 331 -11.96 -16.79 3.35
C TRP A 331 -11.84 -16.77 4.85
N ALA A 332 -12.52 -15.83 5.50
CA ALA A 332 -12.41 -15.75 6.95
C ALA A 332 -13.08 -16.92 7.63
N VAL A 333 -14.27 -17.26 7.15
CA VAL A 333 -15.02 -18.42 7.55
C VAL A 333 -14.23 -19.73 7.33
N THR A 334 -13.81 -20.01 6.09
CA THR A 334 -13.05 -21.22 5.84
C THR A 334 -11.82 -21.35 6.73
N ASN A 335 -11.04 -20.30 6.90
CA ASN A 335 -9.87 -20.40 7.72
C ASN A 335 -10.26 -20.72 9.15
N TYR A 336 -11.36 -20.11 9.58
CA TYR A 336 -11.92 -20.28 10.92
C TYR A 336 -12.30 -21.76 11.10
N THR A 337 -13.07 -22.30 10.19
CA THR A 337 -13.54 -23.68 10.29
C THR A 337 -12.32 -24.65 10.26
N SER A 338 -11.38 -24.38 9.38
CA SER A 338 -10.15 -25.20 9.27
C SER A 338 -9.21 -25.23 10.50
N GLY A 339 -9.18 -24.16 11.30
CA GLY A 339 -8.31 -24.06 12.46
C GLY A 339 -9.01 -24.10 13.79
N GLY A 340 -10.33 -23.99 13.79
CA GLY A 340 -11.04 -23.83 15.03
C GLY A 340 -11.36 -25.10 15.79
N THR A 341 -11.62 -24.93 17.08
CA THR A 341 -12.01 -26.02 17.93
C THR A 341 -13.43 -26.31 17.62
N VAL A 342 -13.89 -27.47 18.08
CA VAL A 342 -15.26 -27.90 17.94
C VAL A 342 -16.22 -26.84 18.51
N GLU A 343 -15.99 -26.38 19.74
CA GLU A 343 -16.76 -25.26 20.34
C GLU A 343 -16.84 -24.01 19.44
N GLN A 344 -15.66 -23.51 19.04
CA GLN A 344 -15.55 -22.44 18.07
C GLN A 344 -16.41 -22.71 16.83
N ILE A 345 -16.32 -23.91 16.27
CA ILE A 345 -17.21 -24.21 15.12
C ILE A 345 -18.71 -24.23 15.48
N VAL A 346 -19.06 -24.78 16.63
CA VAL A 346 -20.45 -24.75 17.09
C VAL A 346 -20.96 -23.32 17.19
N TYR A 347 -20.15 -22.45 17.79
CA TYR A 347 -20.53 -21.06 17.98
C TYR A 347 -20.75 -20.38 16.62
N LEU A 348 -19.88 -20.66 15.66
CA LEU A 348 -20.06 -20.12 14.34
C LEU A 348 -21.36 -20.56 13.72
N VAL A 349 -21.75 -21.80 13.93
CA VAL A 349 -23.01 -22.27 13.38
C VAL A 349 -24.16 -21.56 14.12
N HIS A 350 -24.04 -21.39 15.43
CA HIS A 350 -25.05 -20.64 16.19
C HIS A 350 -25.23 -19.23 15.63
N CYS A 351 -24.19 -18.60 15.14
CA CYS A 351 -24.29 -17.23 14.64
C CYS A 351 -24.94 -17.14 13.25
N GLY A 352 -25.32 -18.29 12.68
CA GLY A 352 -26.09 -18.32 11.43
C GLY A 352 -25.22 -18.31 10.20
N ILE A 353 -24.08 -19.00 10.29
CA ILE A 353 -23.17 -19.12 9.13
C ILE A 353 -23.64 -19.94 7.94
N ILE A 354 -24.54 -20.93 8.14
CA ILE A 354 -24.79 -21.95 7.10
C ILE A 354 -25.38 -21.38 5.84
N GLU A 355 -26.55 -20.78 5.96
CA GLU A 355 -27.27 -20.23 4.78
C GLU A 355 -26.50 -19.18 3.94
N PRO A 356 -25.96 -18.12 4.57
CA PRO A 356 -25.17 -17.19 3.77
C PRO A 356 -23.98 -17.84 3.09
N LEU A 357 -23.29 -18.69 3.83
CA LEU A 357 -22.21 -19.47 3.23
C LEU A 357 -22.71 -20.25 1.98
N MET A 358 -23.87 -20.92 2.08
CA MET A 358 -24.34 -21.76 0.96
C MET A 358 -24.83 -20.93 -0.20
N ASN A 359 -25.41 -19.76 0.10
CA ASN A 359 -25.85 -18.81 -0.95
C ASN A 359 -24.78 -18.55 -2.00
N LEU A 360 -23.55 -18.38 -1.51
CA LEU A 360 -22.42 -18.10 -2.35
C LEU A 360 -21.84 -19.28 -3.13
N LEU A 361 -22.51 -20.43 -3.13
CA LEU A 361 -22.13 -21.58 -4.03
C LEU A 361 -22.58 -21.36 -5.48
N THR A 362 -23.58 -20.49 -5.69
CA THR A 362 -23.99 -20.02 -7.04
C THR A 362 -23.01 -19.01 -7.65
N ALA A 363 -22.05 -18.52 -6.88
CA ALA A 363 -20.90 -17.80 -7.43
C ALA A 363 -20.25 -18.50 -8.62
N LYS A 364 -19.92 -17.71 -9.64
CA LYS A 364 -19.21 -18.16 -10.82
C LYS A 364 -17.72 -17.88 -10.60
N ASP A 365 -17.16 -18.53 -9.58
CA ASP A 365 -15.71 -18.49 -9.31
C ASP A 365 -15.30 -19.78 -8.59
N THR A 366 -14.43 -20.51 -9.27
CA THR A 366 -14.13 -21.89 -8.93
C THR A 366 -13.36 -21.99 -7.60
N LYS A 367 -12.36 -21.13 -7.41
CA LYS A 367 -11.48 -21.17 -6.24
C LYS A 367 -12.31 -21.05 -4.96
N ILE A 368 -13.34 -20.22 -5.08
CA ILE A 368 -14.25 -19.92 -4.00
C ILE A 368 -15.35 -20.95 -3.71
N ILE A 369 -15.87 -21.61 -4.72
CA ILE A 369 -16.72 -22.77 -4.51
C ILE A 369 -15.95 -23.87 -3.72
N LEU A 370 -14.72 -24.16 -4.10
CA LEU A 370 -13.96 -25.15 -3.40
C LEU A 370 -13.74 -24.80 -1.93
N VAL A 371 -13.48 -23.54 -1.60
CA VAL A 371 -13.21 -23.22 -0.18
C VAL A 371 -14.49 -23.21 0.64
N ILE A 372 -15.61 -22.88 0.02
CA ILE A 372 -16.90 -23.05 0.64
C ILE A 372 -17.19 -24.53 0.93
N LEU A 373 -16.92 -25.39 -0.04
CA LEU A 373 -17.12 -26.79 0.18
C LEU A 373 -16.21 -27.31 1.27
N ASP A 374 -14.95 -26.88 1.28
CA ASP A 374 -14.03 -27.33 2.33
C ASP A 374 -14.51 -26.90 3.74
N ALA A 375 -15.13 -25.72 3.82
CA ALA A 375 -15.62 -25.16 5.08
C ALA A 375 -16.80 -25.96 5.57
N ILE A 376 -17.68 -26.36 4.64
CA ILE A 376 -18.83 -27.13 5.00
C ILE A 376 -18.35 -28.48 5.47
N SER A 377 -17.46 -29.05 4.71
CA SER A 377 -16.83 -30.32 5.01
C SER A 377 -16.24 -30.28 6.43
N ASN A 378 -15.39 -29.27 6.73
CA ASN A 378 -14.98 -28.96 8.10
C ASN A 378 -16.08 -28.87 9.20
N ILE A 379 -17.25 -28.31 8.87
CA ILE A 379 -18.34 -28.19 9.82
C ILE A 379 -18.93 -29.59 10.10
N PHE A 380 -18.97 -30.44 9.05
CA PHE A 380 -19.48 -31.80 9.15
C PHE A 380 -18.57 -32.68 10.01
N GLN A 381 -17.28 -32.45 9.95
CA GLN A 381 -16.34 -33.17 10.81
C GLN A 381 -16.61 -32.83 12.30
N ALA A 382 -16.89 -31.55 12.60
CA ALA A 382 -17.27 -31.21 13.96
C ALA A 382 -18.57 -31.87 14.30
N ALA A 383 -19.47 -31.99 13.33
CA ALA A 383 -20.75 -32.69 13.54
C ALA A 383 -20.57 -34.23 13.78
N GLU A 384 -19.63 -34.86 13.06
CA GLU A 384 -19.26 -36.23 13.34
C GLU A 384 -18.93 -36.38 14.83
N LYS A 385 -18.05 -35.54 15.31
CA LYS A 385 -17.56 -35.68 16.66
C LYS A 385 -18.62 -35.47 17.74
N LEU A 386 -19.71 -34.75 17.44
CA LEU A 386 -20.83 -34.57 18.38
C LEU A 386 -22.04 -35.50 18.06
N GLY A 387 -21.81 -36.42 17.14
CA GLY A 387 -22.87 -37.22 16.53
C GLY A 387 -24.08 -36.40 16.12
N GLU A 388 -23.89 -35.30 15.40
CA GLU A 388 -25.05 -34.51 14.92
C GLU A 388 -25.10 -34.46 13.38
N THR A 389 -24.34 -35.33 12.69
CA THR A 389 -24.33 -35.30 11.18
C THR A 389 -25.75 -35.41 10.53
N GLU A 390 -26.62 -36.18 11.15
CA GLU A 390 -27.91 -36.45 10.60
C GLU A 390 -28.74 -35.19 10.73
N LYS A 391 -28.71 -34.56 11.90
CA LYS A 391 -29.36 -33.25 12.11
C LYS A 391 -28.90 -32.20 11.13
N LEU A 392 -27.60 -32.04 11.03
CA LEU A 392 -27.00 -31.07 10.12
C LEU A 392 -27.39 -31.30 8.69
N SER A 393 -27.54 -32.57 8.30
CA SER A 393 -28.00 -32.96 6.95
C SER A 393 -29.42 -32.49 6.65
N ILE A 394 -30.37 -32.83 7.52
CA ILE A 394 -31.77 -32.46 7.37
C ILE A 394 -31.88 -30.94 7.24
N MET A 395 -31.14 -30.23 8.08
CA MET A 395 -31.29 -28.79 8.15
C MET A 395 -30.86 -28.20 6.81
N ILE A 396 -29.69 -28.65 6.33
CA ILE A 396 -29.16 -28.24 5.06
C ILE A 396 -30.13 -28.59 3.92
N GLU A 397 -30.80 -29.74 4.02
CA GLU A 397 -31.81 -30.13 3.03
C GLU A 397 -33.01 -29.17 3.01
N GLU A 398 -33.42 -28.73 4.20
CA GLU A 398 -34.69 -28.00 4.37
C GLU A 398 -34.59 -26.48 4.20
N CYS A 399 -33.37 -25.99 4.02
CA CYS A 399 -33.09 -24.59 3.74
C CYS A 399 -32.54 -24.35 2.32
N GLY A 400 -32.66 -25.35 1.42
CA GLY A 400 -32.10 -25.31 0.06
C GLY A 400 -30.63 -25.67 -0.16
N GLY A 401 -29.91 -26.03 0.89
CA GLY A 401 -28.49 -26.31 0.75
C GLY A 401 -28.17 -27.51 -0.12
N LEU A 402 -29.00 -28.52 -0.02
CA LEU A 402 -28.79 -29.72 -0.82
C LEU A 402 -28.97 -29.39 -2.31
N ASP A 403 -30.00 -28.60 -2.67
CA ASP A 403 -30.13 -28.14 -4.06
C ASP A 403 -28.82 -27.51 -4.54
N LYS A 404 -28.25 -26.63 -3.76
CA LYS A 404 -27.05 -25.95 -4.22
C LYS A 404 -25.81 -26.87 -4.33
N ILE A 405 -25.74 -27.91 -3.48
CA ILE A 405 -24.65 -28.88 -3.59
C ILE A 405 -24.91 -29.80 -4.79
N GLU A 406 -26.13 -30.32 -4.94
CA GLU A 406 -26.54 -31.12 -6.11
C GLU A 406 -26.30 -30.36 -7.43
N ALA A 407 -26.66 -29.08 -7.45
CA ALA A 407 -26.38 -28.17 -8.57
C ALA A 407 -24.95 -28.30 -9.08
N LEU A 408 -24.02 -28.53 -8.16
CA LEU A 408 -22.61 -28.54 -8.52
C LEU A 408 -22.10 -29.80 -9.22
N GLN A 409 -22.91 -30.86 -9.27
CA GLN A 409 -22.46 -32.10 -9.96
C GLN A 409 -22.55 -31.91 -11.46
N ASN A 410 -23.48 -31.10 -11.91
CA ASN A 410 -23.50 -30.67 -13.31
C ASN A 410 -22.74 -29.35 -13.47
N HIS A 411 -21.46 -29.37 -13.08
CA HIS A 411 -20.55 -28.23 -13.21
C HIS A 411 -19.38 -28.71 -14.03
N GLU A 412 -18.65 -27.80 -14.65
CA GLU A 412 -17.62 -28.18 -15.61
C GLU A 412 -16.25 -28.60 -14.99
N ASN A 413 -15.73 -27.77 -14.07
CA ASN A 413 -14.53 -28.08 -13.25
C ASN A 413 -14.63 -29.40 -12.54
N GLU A 414 -13.61 -30.27 -12.72
CA GLU A 414 -13.69 -31.66 -12.19
C GLU A 414 -13.63 -31.64 -10.68
N SER A 415 -12.77 -30.78 -10.15
CA SER A 415 -12.59 -30.62 -8.71
C SER A 415 -13.89 -30.27 -7.99
N VAL A 416 -14.59 -29.28 -8.54
CA VAL A 416 -15.89 -28.87 -7.99
C VAL A 416 -16.86 -30.05 -7.99
N TYR A 417 -16.90 -30.75 -9.13
CA TYR A 417 -17.70 -31.96 -9.29
C TYR A 417 -17.35 -33.03 -8.24
N LYS A 418 -16.05 -33.21 -7.94
CA LYS A 418 -15.60 -34.27 -7.03
C LYS A 418 -15.86 -33.91 -5.60
N ALA A 419 -15.53 -32.67 -5.26
CA ALA A 419 -15.72 -32.21 -3.90
C ALA A 419 -17.20 -32.29 -3.52
N SER A 420 -18.07 -31.85 -4.43
CA SER A 420 -19.48 -31.82 -4.13
C SER A 420 -20.08 -33.23 -4.12
N LEU A 421 -19.55 -34.12 -4.97
CA LEU A 421 -19.99 -35.50 -4.97
C LEU A 421 -19.59 -36.20 -3.66
N SER A 422 -18.42 -35.85 -3.16
CA SER A 422 -17.96 -36.43 -1.91
C SER A 422 -18.94 -36.05 -0.77
N LEU A 423 -19.40 -34.81 -0.76
CA LEU A 423 -20.35 -34.38 0.26
C LEU A 423 -21.69 -35.12 0.17
N ILE A 424 -22.19 -35.28 -1.04
CA ILE A 424 -23.44 -35.95 -1.24
C ILE A 424 -23.34 -37.39 -0.74
N GLU A 425 -22.31 -38.08 -1.19
CA GLU A 425 -22.01 -39.45 -0.73
C GLU A 425 -21.90 -39.56 0.79
N LYS A 426 -20.96 -38.81 1.34
CA LYS A 426 -20.61 -38.94 2.76
C LYS A 426 -21.79 -38.58 3.69
N TYR A 427 -22.56 -37.55 3.33
CA TYR A 427 -23.63 -37.00 4.22
C TYR A 427 -25.07 -36.98 3.73
N PHE A 428 -25.35 -37.21 2.46
CA PHE A 428 -26.75 -37.18 1.99
C PHE A 428 -27.19 -38.47 1.22
N SER A 429 -26.63 -39.65 1.51
CA SER A 429 -26.85 -40.85 0.67
C SER A 429 -28.05 -41.78 1.05
N ARG B 1 -4.78 -26.54 9.00
CA ARG B 1 -4.78 -25.03 9.20
C ARG B 1 -4.30 -24.33 7.94
N ASN B 2 -4.99 -23.27 7.52
CA ASN B 2 -4.73 -22.68 6.20
C ASN B 2 -3.70 -21.61 6.18
N GLN B 3 -3.25 -21.38 4.96
CA GLN B 3 -2.27 -20.37 4.64
C GLN B 3 -2.89 -18.96 4.79
N LYS B 4 -2.08 -18.06 5.34
CA LYS B 4 -2.38 -16.64 5.25
C LYS B 4 -2.37 -16.21 3.75
N ARG B 5 -3.23 -15.26 3.38
CA ARG B 5 -3.25 -14.75 2.03
C ARG B 5 -2.73 -13.32 1.96
N LYS B 6 -1.71 -13.08 1.14
CA LYS B 6 -1.15 -11.72 1.02
C LYS B 6 -2.06 -10.81 0.22
N HIS B 7 -1.78 -9.52 0.27
CA HIS B 7 -2.66 -8.55 -0.40
C HIS B 7 -2.78 -8.80 -1.91
N ASP B 8 -1.66 -9.12 -2.56
CA ASP B 8 -1.62 -9.66 -3.95
C ASP B 8 -2.80 -10.64 -4.25
N GLU B 9 -3.20 -11.41 -3.22
CA GLU B 9 -4.23 -12.47 -3.33
C GLU B 9 -5.67 -12.02 -3.47
N ILE B 10 -5.98 -10.83 -3.02
CA ILE B 10 -7.35 -10.41 -2.98
C ILE B 10 -7.97 -10.45 -4.39
N SER C 1 -11.38 13.24 0.77
CA SER C 1 -10.04 12.59 0.62
C SER C 1 -10.21 11.37 -0.35
N GLU C 2 -9.37 11.14 -1.39
CA GLU C 2 -8.05 11.82 -1.72
C GLU C 2 -6.74 11.71 -0.89
N LEU C 3 -6.73 11.18 0.26
CA LEU C 3 -5.54 11.02 1.14
C LEU C 3 -5.67 9.53 1.49
N ALA C 4 -6.88 9.02 1.36
CA ALA C 4 -7.14 7.60 1.56
C ALA C 4 -6.43 6.71 0.52
N GLU C 5 -6.13 7.22 -0.69
CA GLU C 5 -5.43 6.45 -1.76
C GLU C 5 -3.94 6.56 -1.65
N GLN C 6 -3.24 5.69 -2.36
CA GLN C 6 -1.79 5.74 -2.33
C GLN C 6 -1.34 7.07 -2.92
N PRO C 7 -0.25 7.63 -2.41
CA PRO C 7 0.26 8.80 -3.12
C PRO C 7 0.75 8.53 -4.54
N GLU C 8 0.78 9.58 -5.35
CA GLU C 8 1.31 9.50 -6.72
C GLU C 8 2.77 9.13 -6.70
N ARG C 9 3.19 8.41 -7.72
CA ARG C 9 4.57 7.99 -7.86
C ARG C 9 5.41 9.11 -8.39
N LYS C 10 4.82 9.96 -9.20
CA LYS C 10 5.53 11.06 -9.84
C LYS C 10 4.65 12.30 -9.81
N ILE C 11 5.27 13.44 -9.50
CA ILE C 11 4.52 14.69 -9.40
C ILE C 11 5.33 15.77 -10.13
N THR C 12 4.59 16.57 -10.89
CA THR C 12 5.16 17.70 -11.62
C THR C 12 4.83 19.02 -10.89
N ARG C 13 5.79 19.92 -10.87
CA ARG C 13 5.54 21.23 -10.31
C ARG C 13 5.01 22.17 -11.36
N ASN C 14 3.74 22.48 -11.33
CA ASN C 14 3.15 23.23 -12.43
C ASN C 14 2.61 24.54 -12.03
N GLN C 15 2.40 25.38 -13.06
CA GLN C 15 1.50 26.55 -12.99
C GLN C 15 2.15 27.65 -12.17
#